data_1OCW
#
_entry.id   1OCW
#
_cell.length_a   79.545
_cell.length_b   79.545
_cell.length_c   67.703
_cell.angle_alpha   90.00
_cell.angle_beta   90.00
_cell.angle_gamma   90.00
#
_symmetry.space_group_name_H-M   'I 4'
#
loop_
_entity.id
_entity.type
_entity.pdbx_description
1 polymer 'IMMUNOGLOBULIN E'
2 polymer 'IMMUNOGLOBULIN E'
3 water water
#
loop_
_entity_poly.entity_id
_entity_poly.type
_entity_poly.pdbx_seq_one_letter_code
_entity_poly.pdbx_strand_id
1 'polypeptide(L)'
;EVQLQQSGAELVKPGASVKLSCKASGYTFTSYWMHWVKQRPGRGLEWIGRIDPNGGGTKYNEKFKSKATLTVDKPSSTAY
MQLSSLTSEDSAVYYCARMWYYGTYYFDYWGQGTTLTVSSA
;
H
2 'polypeptide(L)'
;QAVVTQESALTTSPGETVTLTCRSSTGAVTTSNYANWVQEKPDHLFTGLIGGTNNRAPGVPARFSGSLIGNKAALTITGA
QTEDEAIYFCALWYSNHLVFGGGTKLTVLEQPKSSPSVTL
;
L
#
# COMPACT_ATOMS: atom_id res chain seq x y z
N GLU A 1 -3.72 -13.19 11.06
CA GLU A 1 -2.90 -14.38 11.05
C GLU A 1 -1.88 -14.39 9.90
N VAL A 2 -0.86 -13.56 9.95
CA VAL A 2 -0.67 -12.49 10.93
C VAL A 2 -1.49 -11.27 10.50
N GLN A 3 -2.26 -10.76 11.46
CA GLN A 3 -3.33 -9.83 11.18
C GLN A 3 -3.01 -8.45 11.71
N LEU A 4 -3.56 -7.42 11.06
CA LEU A 4 -3.25 -6.04 11.45
C LEU A 4 -4.52 -5.22 11.61
N GLN A 5 -4.56 -4.39 12.63
CA GLN A 5 -5.75 -3.85 13.24
C GLN A 5 -5.78 -2.32 13.27
N GLN A 6 -6.82 -1.77 12.67
CA GLN A 6 -7.15 -0.35 12.68
C GLN A 6 -8.60 -0.14 13.11
N SER A 7 -8.96 1.08 13.50
CA SER A 7 -10.31 1.34 13.96
C SER A 7 -11.30 1.47 12.81
N GLY A 8 -12.54 1.05 13.04
CA GLY A 8 -13.61 1.13 12.06
C GLY A 8 -13.65 2.51 11.39
N ALA A 9 -14.05 3.51 12.17
CA ALA A 9 -14.31 4.86 11.69
C ALA A 9 -14.01 5.90 12.76
N GLU A 10 -13.51 7.05 12.34
CA GLU A 10 -13.28 8.16 13.26
C GLU A 10 -13.87 9.46 12.70
N LEU A 11 -14.49 10.24 13.58
CA LEU A 11 -15.14 11.49 13.20
C LEU A 11 -14.34 12.70 13.68
N VAL A 12 -14.07 13.62 12.75
CA VAL A 12 -13.36 14.84 13.12
C VAL A 12 -13.88 16.04 12.33
N LYS A 13 -13.48 17.24 12.75
CA LYS A 13 -13.92 18.45 12.07
C LYS A 13 -12.72 19.28 11.65
N PRO A 14 -12.91 20.12 10.63
CA PRO A 14 -11.79 20.90 10.07
C PRO A 14 -11.04 21.68 11.15
N GLY A 15 -9.72 21.72 11.02
CA GLY A 15 -8.90 22.42 11.98
C GLY A 15 -8.61 21.60 13.22
N ALA A 16 -9.30 20.47 13.37
CA ALA A 16 -9.03 19.59 14.50
C ALA A 16 -7.88 18.63 14.18
N SER A 17 -7.32 18.02 15.22
CA SER A 17 -6.22 17.09 15.02
C SER A 17 -6.57 15.70 15.56
N VAL A 18 -6.53 14.72 14.67
CA VAL A 18 -6.92 13.34 14.94
C VAL A 18 -5.75 12.38 14.75
N LYS A 19 -5.84 11.20 15.35
CA LYS A 19 -4.76 10.22 15.20
C LYS A 19 -5.30 8.80 15.00
N LEU A 20 -4.82 8.11 13.99
CA LEU A 20 -5.25 6.77 13.63
C LEU A 20 -4.23 5.71 14.01
N SER A 21 -4.65 4.49 14.37
CA SER A 21 -3.68 3.49 14.79
C SER A 21 -3.75 2.20 13.99
N CYS A 22 -2.66 1.45 14.08
CA CYS A 22 -2.37 0.23 13.35
C CYS A 22 -1.69 -0.79 14.26
N LYS A 23 -2.38 -1.86 14.63
CA LYS A 23 -1.73 -2.80 15.55
C LYS A 23 -1.30 -4.07 14.85
N ALA A 24 -0.55 -4.90 15.56
CA ALA A 24 -0.12 -6.20 15.06
C ALA A 24 -0.44 -7.30 16.07
N SER A 25 -0.92 -8.41 15.55
CA SER A 25 -1.35 -9.60 16.26
C SER A 25 -0.30 -10.24 17.15
N GLY A 26 0.96 -10.32 16.82
CA GLY A 26 1.75 -9.75 15.78
C GLY A 26 3.25 -9.92 15.89
N TYR A 27 3.89 -9.54 16.98
CA TYR A 27 3.35 -8.92 18.17
C TYR A 27 3.34 -7.40 18.07
N THR A 28 4.52 -6.80 17.97
CA THR A 28 4.68 -5.37 18.11
C THR A 28 5.46 -4.73 16.96
N PHE A 29 5.10 -3.50 16.65
CA PHE A 29 5.93 -2.53 15.93
C PHE A 29 6.85 -1.81 16.90
N THR A 30 8.11 -1.62 16.64
CA THR A 30 9.00 -2.10 15.60
C THR A 30 9.51 -3.49 15.94
N SER A 31 10.06 -4.25 15.01
CA SER A 31 10.28 -3.86 13.63
C SER A 31 9.55 -4.77 12.64
N TYR A 32 9.20 -4.15 11.53
CA TYR A 32 8.25 -4.60 10.53
C TYR A 32 7.53 -3.38 9.95
N TRP A 33 8.29 -2.48 9.36
CA TRP A 33 8.02 -1.14 8.92
C TRP A 33 6.54 -0.84 8.70
N MET A 34 6.20 0.46 8.69
CA MET A 34 4.82 0.89 8.65
C MET A 34 4.49 1.79 7.46
N HIS A 35 3.31 1.59 6.88
CA HIS A 35 2.80 2.42 5.81
C HIS A 35 1.41 2.98 6.11
N TRP A 36 1.09 4.06 5.41
CA TRP A 36 -0.26 4.61 5.40
C TRP A 36 -0.67 5.00 3.99
N VAL A 37 -1.58 4.21 3.44
CA VAL A 37 -2.13 4.37 2.10
C VAL A 37 -3.47 5.10 2.19
N LYS A 38 -3.62 6.20 1.46
CA LYS A 38 -4.90 6.91 1.45
C LYS A 38 -5.74 6.55 0.22
N GLN A 39 -7.01 6.26 0.45
CA GLN A 39 -7.89 5.89 -0.65
C GLN A 39 -9.04 6.87 -0.81
N ARG A 40 -9.07 7.56 -1.95
CA ARG A 40 -10.20 8.39 -2.33
C ARG A 40 -10.56 8.13 -3.79
N PRO A 41 -11.79 7.67 -4.02
CA PRO A 41 -12.33 7.25 -5.32
C PRO A 41 -11.68 7.88 -6.54
N GLY A 42 -11.69 7.13 -7.62
CA GLY A 42 -10.73 7.06 -8.71
C GLY A 42 -9.28 7.08 -8.29
N ARG A 43 -8.87 8.09 -7.56
CA ARG A 43 -7.51 8.30 -7.09
C ARG A 43 -6.92 6.99 -6.56
N GLY A 44 -7.73 6.24 -5.82
CA GLY A 44 -7.38 4.92 -5.37
C GLY A 44 -6.51 4.93 -4.13
N LEU A 45 -5.20 5.19 -4.30
CA LEU A 45 -4.26 4.99 -3.20
C LEU A 45 -3.16 6.04 -3.16
N GLU A 46 -3.00 6.64 -1.99
CA GLU A 46 -1.92 7.60 -1.74
C GLU A 46 -1.02 7.09 -0.61
N TRP A 47 0.11 7.75 -0.39
CA TRP A 47 1.08 7.31 0.60
C TRP A 47 1.24 8.35 1.70
N ILE A 48 2.12 8.13 2.67
CA ILE A 48 2.24 9.14 3.73
C ILE A 48 3.58 9.08 4.43
N GLY A 49 3.94 7.97 5.09
CA GLY A 49 5.21 7.94 5.78
C GLY A 49 5.42 6.71 6.64
N ARG A 50 6.51 6.70 7.40
CA ARG A 50 6.90 5.61 8.29
C ARG A 50 7.44 6.12 9.62
N ILE A 51 7.55 5.27 10.62
CA ILE A 51 8.13 5.66 11.90
C ILE A 51 9.08 4.59 12.45
N ASP A 52 10.16 5.03 13.06
CA ASP A 52 11.17 4.18 13.68
C ASP A 52 11.01 4.14 15.20
N PRO A 53 10.11 3.29 15.67
CA PRO A 53 9.74 3.19 17.08
C PRO A 53 10.91 3.21 18.05
N ASN A 54 11.97 2.49 17.69
CA ASN A 54 13.14 2.39 18.57
C ASN A 54 13.64 3.75 18.99
N GLY A 55 13.48 4.77 18.14
CA GLY A 55 13.91 6.11 18.48
C GLY A 55 13.73 7.16 17.41
N GLY A 56 12.69 7.06 16.59
CA GLY A 56 12.34 8.06 15.61
C GLY A 56 13.06 7.94 14.29
N GLY A 57 12.42 8.41 13.22
CA GLY A 57 12.97 8.41 11.88
C GLY A 57 11.92 8.26 10.80
N THR A 58 10.97 9.19 10.74
CA THR A 58 9.86 9.15 9.81
C THR A 58 10.21 9.76 8.46
N LYS A 59 9.48 9.35 7.43
CA LYS A 59 9.72 9.87 6.08
C LYS A 59 8.44 9.92 5.26
N TYR A 60 8.19 11.08 4.65
CA TYR A 60 7.00 11.33 3.85
C TYR A 60 7.33 11.96 2.50
N ASN A 61 6.44 12.84 2.05
CA ASN A 61 6.55 13.59 0.80
C ASN A 61 6.54 15.09 1.09
N GLU A 62 7.05 15.89 0.18
CA GLU A 62 7.07 17.34 0.33
C GLU A 62 5.70 17.89 0.74
N LYS A 63 4.64 17.24 0.27
CA LYS A 63 3.27 17.67 0.56
C LYS A 63 2.76 17.13 1.88
N PHE A 64 3.19 15.93 2.25
CA PHE A 64 2.69 15.30 3.45
C PHE A 64 3.29 15.91 4.72
N LYS A 65 4.55 16.30 4.65
CA LYS A 65 5.36 16.63 5.81
C LYS A 65 4.66 17.56 6.80
N SER A 66 3.75 18.41 6.31
CA SER A 66 3.03 19.24 7.27
C SER A 66 2.09 18.38 8.12
N LYS A 67 1.02 17.88 7.50
CA LYS A 67 0.00 17.10 8.18
C LYS A 67 0.49 15.72 8.57
N ALA A 68 1.39 15.17 7.77
CA ALA A 68 1.94 13.84 7.99
C ALA A 68 2.38 13.63 9.42
N THR A 69 2.49 12.37 9.84
CA THR A 69 3.02 11.96 11.12
C THR A 69 2.95 10.43 11.25
N LEU A 70 3.97 9.85 11.87
CA LEU A 70 4.03 8.40 12.01
C LEU A 70 4.55 8.02 13.39
N THR A 71 3.91 7.06 14.05
CA THR A 71 4.31 6.74 15.43
C THR A 71 3.90 5.34 15.86
N VAL A 72 3.99 5.06 17.15
CA VAL A 72 3.84 3.82 17.85
C VAL A 72 3.42 3.98 19.32
N ASP A 73 2.95 2.88 19.87
CA ASP A 73 2.90 2.58 21.30
C ASP A 73 3.70 1.29 21.55
N LYS A 74 5.01 1.39 21.37
CA LYS A 74 5.94 0.28 21.57
C LYS A 74 5.63 -0.51 22.84
N PRO A 75 5.35 0.11 23.98
CA PRO A 75 4.90 -0.67 25.14
C PRO A 75 3.47 -1.20 24.96
N SER A 76 3.23 -1.95 23.88
CA SER A 76 1.91 -2.52 23.63
C SER A 76 1.86 -3.23 22.27
N SER A 77 2.11 -2.49 21.21
CA SER A 77 2.26 -2.84 19.81
C SER A 77 1.42 -1.98 18.88
N THR A 78 1.48 -0.66 18.97
CA THR A 78 0.61 0.12 18.08
C THR A 78 1.45 0.99 17.15
N ALA A 79 0.95 1.30 15.96
CA ALA A 79 1.57 2.29 15.09
C ALA A 79 0.59 3.42 14.84
N TYR A 80 1.08 4.62 14.52
CA TYR A 80 0.16 5.75 14.53
C TYR A 80 0.36 6.74 13.39
N MET A 81 -0.79 7.31 13.00
CA MET A 81 -0.82 8.39 12.02
C MET A 81 -1.73 9.50 12.51
N GLN A 82 -1.18 10.71 12.44
CA GLN A 82 -1.78 11.92 13.00
C GLN A 82 -1.99 12.94 11.88
N LEU A 83 -3.25 13.29 11.66
CA LEU A 83 -3.51 14.39 10.75
C LEU A 83 -3.79 15.64 11.58
N SER A 84 -2.79 16.52 11.61
CA SER A 84 -3.00 17.79 12.31
C SER A 84 -3.73 18.75 11.39
N SER A 85 -4.66 19.50 11.96
CA SER A 85 -5.43 20.49 11.21
C SER A 85 -6.10 19.90 9.97
N LEU A 86 -7.00 18.94 10.18
CA LEU A 86 -7.67 18.29 9.06
C LEU A 86 -8.60 19.24 8.30
N THR A 87 -8.86 18.85 7.07
CA THR A 87 -9.70 19.53 6.11
C THR A 87 -10.73 18.55 5.54
N SER A 88 -11.68 19.06 4.74
CA SER A 88 -12.79 18.21 4.30
C SER A 88 -12.33 17.21 3.25
N GLU A 89 -11.12 17.40 2.75
CA GLU A 89 -10.51 16.55 1.74
C GLU A 89 -9.54 15.57 2.39
N ASP A 90 -9.28 15.77 3.67
CA ASP A 90 -8.61 14.78 4.50
C ASP A 90 -9.49 13.55 4.64
N SER A 91 -10.80 13.79 4.59
CA SER A 91 -11.80 12.73 4.58
C SER A 91 -11.43 11.66 3.55
N ALA A 92 -11.44 10.41 3.99
CA ALA A 92 -10.99 9.30 3.16
C ALA A 92 -10.90 8.02 3.98
N VAL A 93 -10.40 6.97 3.32
CA VAL A 93 -10.09 5.71 3.97
C VAL A 93 -8.58 5.44 3.89
N TYR A 94 -7.90 5.65 5.01
CA TYR A 94 -6.48 5.43 5.14
C TYR A 94 -6.14 4.01 5.59
N TYR A 95 -5.40 3.31 4.74
CA TYR A 95 -4.90 1.98 5.03
C TYR A 95 -3.57 2.01 5.78
N CYS A 96 -3.41 1.10 6.73
CA CYS A 96 -2.11 0.84 7.34
C CYS A 96 -1.57 -0.50 6.84
N ALA A 97 -0.26 -0.59 6.63
CA ALA A 97 0.36 -1.84 6.18
C ALA A 97 1.79 -1.96 6.69
N ARG A 98 2.17 -3.16 7.06
CA ARG A 98 3.52 -3.54 7.46
C ARG A 98 3.96 -4.78 6.69
N MET A 99 5.21 -5.09 6.51
CA MET A 99 6.45 -4.84 7.20
C MET A 99 7.60 -4.40 6.30
N TRP A 100 8.79 -4.60 6.83
CA TRP A 100 10.05 -4.82 6.12
C TRP A 100 10.39 -3.64 5.23
N TYR A 101 11.03 -3.79 4.10
CA TYR A 101 11.73 -2.92 3.19
C TYR A 101 11.90 -1.53 3.80
N TYR A 102 12.81 -1.31 4.68
CA TYR A 102 13.96 -1.79 5.40
C TYR A 102 14.39 -3.22 5.14
N GLY A 103 13.49 -4.20 5.24
CA GLY A 103 13.73 -5.54 4.76
C GLY A 103 13.99 -6.55 5.85
N THR A 104 13.02 -6.70 6.76
CA THR A 104 13.04 -7.82 7.69
C THR A 104 12.69 -9.11 6.96
N TYR A 105 11.41 -9.30 6.66
CA TYR A 105 10.93 -10.51 6.02
C TYR A 105 9.41 -10.50 5.83
N TYR A 106 8.87 -10.28 4.67
CA TYR A 106 9.32 -10.03 3.33
C TYR A 106 8.11 -9.81 2.39
N PHE A 107 7.16 -9.04 2.90
CA PHE A 107 5.90 -8.72 2.26
C PHE A 107 5.02 -7.91 3.21
N ASP A 108 4.09 -7.13 2.69
CA ASP A 108 3.15 -6.43 3.55
C ASP A 108 1.88 -7.28 3.75
N TYR A 109 1.27 -7.09 4.91
CA TYR A 109 -0.09 -7.56 5.16
C TYR A 109 -0.94 -6.34 5.50
N TRP A 110 -2.10 -6.22 4.85
CA TRP A 110 -2.88 -5.01 4.98
C TRP A 110 -3.76 -5.04 6.23
N GLY A 111 -4.17 -3.86 6.65
CA GLY A 111 -5.31 -3.69 7.54
C GLY A 111 -6.57 -3.51 6.71
N GLN A 112 -7.65 -3.13 7.36
CA GLN A 112 -8.94 -2.88 6.74
C GLN A 112 -9.19 -1.42 6.38
N GLY A 113 -8.49 -0.51 7.04
CA GLY A 113 -8.61 0.91 6.80
C GLY A 113 -9.69 1.60 7.59
N THR A 114 -9.34 2.72 8.21
CA THR A 114 -10.29 3.54 8.94
C THR A 114 -10.96 4.55 8.02
N THR A 115 -12.28 4.63 8.12
CA THR A 115 -13.02 5.68 7.44
C THR A 115 -12.87 6.98 8.22
N LEU A 116 -12.10 7.90 7.65
CA LEU A 116 -11.99 9.22 8.27
C LEU A 116 -13.10 10.10 7.70
N THR A 117 -14.05 10.44 8.55
CA THR A 117 -15.16 11.31 8.22
C THR A 117 -14.88 12.75 8.67
N VAL A 118 -14.91 13.67 7.72
CA VAL A 118 -14.72 15.10 7.92
C VAL A 118 -15.70 15.91 7.06
N SER A 119 -16.69 16.55 7.62
CA SER A 119 -17.11 16.64 8.99
C SER A 119 -18.56 17.13 9.07
N SER A 120 -19.29 16.70 10.09
CA SER A 120 -20.67 17.09 10.30
C SER A 120 -21.33 16.23 11.38
N GLN B 1 7.74 15.66 -10.24
CA GLN B 1 7.58 14.67 -9.18
C GLN B 1 7.22 13.31 -9.77
N ALA B 2 7.28 12.26 -8.96
CA ALA B 2 7.13 10.89 -9.42
C ALA B 2 5.67 10.45 -9.60
N VAL B 3 5.28 10.28 -10.85
CA VAL B 3 4.01 9.70 -11.25
C VAL B 3 4.19 8.28 -11.82
N VAL B 4 3.47 7.34 -11.22
CA VAL B 4 3.42 5.95 -11.66
C VAL B 4 2.18 5.71 -12.53
N THR B 5 2.35 5.03 -13.65
CA THR B 5 1.27 4.73 -14.59
C THR B 5 1.08 3.23 -14.76
N GLN B 6 -0.16 2.76 -14.69
CA GLN B 6 -0.47 1.39 -15.08
C GLN B 6 -1.80 1.35 -15.84
N GLU B 7 -2.09 0.21 -16.46
CA GLU B 7 -3.37 0.02 -17.13
C GLU B 7 -4.52 0.19 -16.15
N SER B 8 -5.63 0.81 -16.59
CA SER B 8 -6.73 1.01 -15.64
C SER B 8 -7.55 -0.26 -15.45
N ALA B 9 -7.37 -1.23 -16.35
CA ALA B 9 -7.93 -2.55 -16.16
C ALA B 9 -7.68 -3.48 -17.34
N LEU B 10 -7.78 -4.74 -17.01
CA LEU B 10 -7.64 -5.86 -17.92
C LEU B 10 -8.67 -6.94 -17.57
N THR B 11 -9.15 -7.58 -18.62
CA THR B 11 -10.18 -8.60 -18.51
C THR B 11 -9.60 -9.94 -18.93
N THR B 12 -10.23 -11.04 -18.53
CA THR B 12 -9.62 -12.32 -18.90
C THR B 12 -10.55 -13.49 -18.61
N SER B 13 -10.04 -14.70 -18.77
CA SER B 13 -10.77 -15.92 -18.52
C SER B 13 -9.92 -16.92 -17.75
N PRO B 14 -10.53 -17.81 -16.98
CA PRO B 14 -9.75 -18.67 -16.08
C PRO B 14 -8.85 -19.62 -16.88
N GLY B 15 -7.55 -19.57 -16.58
CA GLY B 15 -6.58 -20.38 -17.29
C GLY B 15 -5.69 -19.59 -18.22
N GLU B 16 -6.09 -18.36 -18.54
CA GLU B 16 -5.28 -17.51 -19.42
C GLU B 16 -4.07 -16.91 -18.72
N THR B 17 -3.28 -16.13 -19.46
CA THR B 17 -2.17 -15.41 -18.83
C THR B 17 -2.25 -13.93 -19.12
N VAL B 18 -2.24 -13.12 -18.07
CA VAL B 18 -2.32 -11.68 -18.27
C VAL B 18 -1.12 -10.98 -17.63
N THR B 19 -0.51 -10.07 -18.37
CA THR B 19 0.58 -9.28 -17.81
C THR B 19 0.12 -7.86 -17.52
N LEU B 20 0.46 -7.40 -16.31
CA LEU B 20 0.21 -6.03 -15.89
C LEU B 20 1.51 -5.24 -15.90
N THR B 21 1.48 -3.99 -16.36
CA THR B 21 2.74 -3.25 -16.40
C THR B 21 2.70 -1.97 -15.60
N CYS B 22 3.88 -1.45 -15.30
CA CYS B 22 4.14 -0.34 -14.41
C CYS B 22 5.32 0.49 -14.87
N ARG B 23 5.06 1.76 -15.22
CA ARG B 23 6.15 2.63 -15.64
C ARG B 23 6.22 3.92 -14.80
N SER B 24 7.46 4.34 -14.56
CA SER B 24 7.84 5.58 -13.90
C SER B 24 7.92 6.73 -14.88
N SER B 25 7.68 7.94 -14.40
CA SER B 25 7.70 9.12 -15.24
C SER B 25 9.00 9.90 -15.02
N THR B 26 9.95 9.27 -14.36
CA THR B 26 11.24 9.92 -14.17
C THR B 26 12.35 9.15 -14.89
N GLY B 27 11.98 8.02 -15.50
CA GLY B 27 12.90 7.18 -16.24
C GLY B 27 12.47 5.72 -16.25
N ALA B 28 13.43 4.82 -16.45
CA ALA B 28 13.15 3.40 -16.48
C ALA B 28 12.93 2.88 -15.07
N VAL B 29 11.91 2.02 -14.89
CA VAL B 29 11.83 1.32 -13.61
C VAL B 29 13.10 0.46 -13.49
N THR B 30 13.70 0.44 -12.31
CA THR B 30 14.91 -0.34 -12.05
C THR B 30 14.84 -1.05 -10.71
N THR B 31 15.86 -1.88 -10.46
CA THR B 31 15.87 -2.74 -9.28
C THR B 31 15.76 -1.91 -8.00
N SER B 32 16.34 -0.70 -7.98
CA SER B 32 16.24 0.17 -6.83
C SER B 32 14.87 0.81 -6.68
N ASN B 33 13.94 0.46 -7.56
CA ASN B 33 12.54 0.87 -7.40
C ASN B 33 11.78 -0.19 -6.60
N TYR B 34 12.39 -1.36 -6.48
CA TYR B 34 11.90 -2.50 -5.72
C TYR B 34 10.40 -2.71 -5.95
N ALA B 35 10.01 -2.75 -7.22
CA ALA B 35 8.61 -2.72 -7.59
C ALA B 35 7.81 -3.77 -6.80
N ASN B 36 6.74 -3.29 -6.17
CA ASN B 36 5.79 -4.06 -5.41
C ASN B 36 4.45 -4.16 -6.13
N TRP B 37 3.82 -5.33 -6.03
CA TRP B 37 2.46 -5.55 -6.48
C TRP B 37 1.60 -6.01 -5.31
N VAL B 38 0.76 -5.11 -4.81
CA VAL B 38 -0.10 -5.48 -3.69
C VAL B 38 -1.54 -5.60 -4.19
N GLN B 39 -2.13 -6.75 -3.94
CA GLN B 39 -3.49 -7.09 -4.33
C GLN B 39 -4.49 -6.41 -3.41
N GLU B 40 -5.48 -5.73 -4.01
CA GLU B 40 -6.56 -5.16 -3.23
C GLU B 40 -7.90 -5.81 -3.60
N LYS B 41 -8.64 -6.17 -2.57
CA LYS B 41 -9.95 -6.80 -2.68
C LYS B 41 -11.01 -5.93 -2.01
N PRO B 42 -12.26 -6.10 -2.42
CA PRO B 42 -13.38 -5.30 -1.95
C PRO B 42 -13.38 -5.06 -0.44
N ASP B 43 -13.73 -3.83 -0.07
CA ASP B 43 -13.74 -3.35 1.31
C ASP B 43 -12.33 -3.01 1.78
N HIS B 44 -11.54 -2.45 0.86
CA HIS B 44 -10.19 -1.99 1.08
C HIS B 44 -9.27 -3.03 1.70
N LEU B 45 -9.31 -4.26 1.22
CA LEU B 45 -8.42 -5.29 1.75
C LEU B 45 -7.15 -5.41 0.90
N PHE B 46 -6.02 -5.05 1.50
CA PHE B 46 -4.77 -4.95 0.75
C PHE B 46 -3.79 -6.04 1.18
N THR B 47 -3.17 -6.66 0.18
CA THR B 47 -2.20 -7.72 0.39
C THR B 47 -1.03 -7.58 -0.57
N GLY B 48 0.17 -7.45 -0.01
CA GLY B 48 1.40 -7.46 -0.79
C GLY B 48 1.60 -8.80 -1.46
N LEU B 49 1.65 -8.82 -2.78
CA LEU B 49 1.76 -10.09 -3.50
C LEU B 49 3.21 -10.37 -3.86
N ILE B 50 3.86 -9.33 -4.38
CA ILE B 50 5.25 -9.40 -4.82
C ILE B 50 5.97 -8.11 -4.45
N GLY B 51 7.27 -8.20 -4.17
CA GLY B 51 8.10 -7.08 -3.79
C GLY B 51 9.52 -7.25 -4.30
N GLY B 52 10.26 -6.14 -4.36
CA GLY B 52 11.64 -6.18 -4.85
C GLY B 52 11.70 -6.75 -6.27
N THR B 53 10.76 -6.30 -7.10
CA THR B 53 10.55 -6.68 -8.48
C THR B 53 10.00 -8.10 -8.60
N ASN B 54 10.68 -9.10 -8.04
CA ASN B 54 10.35 -10.49 -8.35
C ASN B 54 10.13 -11.36 -7.12
N ASN B 55 9.96 -10.76 -5.94
CA ASN B 55 9.89 -11.57 -4.73
C ASN B 55 8.47 -11.81 -4.25
N ARG B 56 8.10 -13.09 -4.17
CA ARG B 56 6.76 -13.45 -3.72
C ARG B 56 6.69 -13.45 -2.19
N ALA B 57 5.60 -12.88 -1.70
CA ALA B 57 5.20 -12.93 -0.30
C ALA B 57 4.79 -14.35 0.07
N PRO B 58 4.78 -14.68 1.36
CA PRO B 58 4.39 -16.02 1.78
C PRO B 58 2.93 -16.30 1.44
N GLY B 59 2.64 -17.54 1.04
CA GLY B 59 1.27 -17.87 0.69
C GLY B 59 0.90 -17.37 -0.70
N VAL B 60 1.90 -17.15 -1.56
CA VAL B 60 1.57 -16.74 -2.91
C VAL B 60 2.12 -17.71 -3.95
N PRO B 61 1.24 -18.34 -4.72
CA PRO B 61 1.71 -19.34 -5.68
C PRO B 61 2.65 -18.71 -6.69
N ALA B 62 3.49 -19.52 -7.33
CA ALA B 62 4.45 -18.94 -8.27
C ALA B 62 3.80 -18.71 -9.63
N ARG B 63 2.49 -18.87 -9.67
CA ARG B 63 1.66 -18.40 -10.76
C ARG B 63 1.80 -16.89 -10.91
N PHE B 64 1.89 -16.22 -9.77
CA PHE B 64 2.23 -14.79 -9.73
C PHE B 64 3.73 -14.60 -9.87
N SER B 65 4.17 -13.91 -10.91
CA SER B 65 5.58 -13.52 -10.99
C SER B 65 5.74 -12.08 -11.47
N GLY B 66 6.80 -11.42 -11.02
CA GLY B 66 7.06 -10.05 -11.42
C GLY B 66 8.39 -9.88 -12.12
N SER B 67 8.52 -8.82 -12.93
CA SER B 67 9.82 -8.59 -13.57
C SER B 67 9.94 -7.18 -14.11
N LEU B 68 11.06 -6.92 -14.78
CA LEU B 68 11.25 -5.67 -15.51
C LEU B 68 11.32 -5.94 -17.01
N ILE B 69 10.37 -5.40 -17.77
CA ILE B 69 10.43 -5.56 -19.21
C ILE B 69 10.88 -4.24 -19.83
N GLY B 70 12.10 -4.21 -20.38
CA GLY B 70 12.60 -2.92 -20.84
C GLY B 70 12.60 -1.91 -19.70
N ASN B 71 11.82 -0.86 -19.83
CA ASN B 71 11.83 0.21 -18.84
C ASN B 71 10.57 0.18 -17.98
N LYS B 72 9.82 -0.90 -18.08
CA LYS B 72 8.59 -1.12 -17.34
C LYS B 72 8.74 -2.27 -16.35
N ALA B 73 8.11 -2.16 -15.19
CA ALA B 73 8.01 -3.33 -14.32
C ALA B 73 6.74 -4.10 -14.67
N ALA B 74 6.81 -5.43 -14.59
CA ALA B 74 5.64 -6.23 -14.95
C ALA B 74 5.30 -7.29 -13.92
N LEU B 75 4.00 -7.51 -13.77
CA LEU B 75 3.44 -8.60 -13.00
C LEU B 75 2.67 -9.56 -13.90
N THR B 76 3.17 -10.78 -14.05
CA THR B 76 2.46 -11.72 -14.90
C THR B 76 1.66 -12.73 -14.08
N ILE B 77 0.45 -13.00 -14.54
CA ILE B 77 -0.43 -13.97 -13.90
C ILE B 77 -0.76 -15.11 -14.86
N THR B 78 -0.46 -16.31 -14.41
CA THR B 78 -0.58 -17.50 -15.24
C THR B 78 -1.67 -18.42 -14.69
N GLY B 79 -2.43 -19.05 -15.58
CA GLY B 79 -3.50 -19.93 -15.12
C GLY B 79 -4.44 -19.17 -14.20
N ALA B 80 -4.82 -17.98 -14.67
CA ALA B 80 -5.77 -17.09 -14.04
C ALA B 80 -6.98 -17.84 -13.49
N GLN B 81 -7.25 -17.65 -12.20
CA GLN B 81 -8.43 -18.23 -11.57
C GLN B 81 -9.51 -17.15 -11.42
N THR B 82 -10.66 -17.55 -10.91
CA THR B 82 -11.74 -16.60 -10.64
C THR B 82 -11.38 -15.72 -9.44
N GLU B 83 -10.84 -16.35 -8.40
CA GLU B 83 -10.52 -15.75 -7.13
C GLU B 83 -9.55 -14.58 -7.25
N ASP B 84 -8.86 -14.51 -8.37
CA ASP B 84 -7.87 -13.50 -8.68
C ASP B 84 -8.50 -12.15 -9.02
N GLU B 85 -9.80 -12.14 -9.30
CA GLU B 85 -10.45 -10.89 -9.68
C GLU B 85 -10.25 -9.85 -8.58
N ALA B 86 -9.48 -8.83 -8.92
CA ALA B 86 -9.04 -7.84 -7.94
C ALA B 86 -8.33 -6.67 -8.61
N ILE B 87 -8.06 -5.66 -7.80
CA ILE B 87 -7.27 -4.52 -8.25
C ILE B 87 -5.79 -4.77 -7.97
N TYR B 88 -4.97 -4.49 -8.99
CA TYR B 88 -3.54 -4.71 -8.81
C TYR B 88 -2.78 -3.38 -8.97
N PHE B 89 -2.40 -2.84 -7.82
CA PHE B 89 -1.66 -1.60 -7.67
C PHE B 89 -0.15 -1.86 -7.78
N CYS B 90 0.54 -0.90 -8.39
CA CYS B 90 1.99 -0.92 -8.43
C CYS B 90 2.57 0.17 -7.52
N ALA B 91 3.41 -0.21 -6.57
CA ALA B 91 4.05 0.75 -5.67
C ALA B 91 5.57 0.69 -5.82
N LEU B 92 6.14 1.80 -6.27
CA LEU B 92 7.55 1.96 -6.58
C LEU B 92 8.28 2.77 -5.50
N TRP B 93 9.53 2.42 -5.26
CA TRP B 93 10.40 3.02 -4.26
C TRP B 93 11.33 4.08 -4.85
N TYR B 94 11.19 5.30 -4.34
CA TYR B 94 12.09 6.37 -4.78
C TYR B 94 12.91 6.92 -3.61
N SER B 95 13.96 6.18 -3.27
CA SER B 95 14.94 6.60 -2.28
C SER B 95 14.46 6.41 -0.85
N ASN B 96 13.39 7.08 -0.45
CA ASN B 96 12.93 6.98 0.93
C ASN B 96 11.42 6.93 1.09
N HIS B 97 10.67 6.87 0.00
CA HIS B 97 9.22 6.79 0.11
C HIS B 97 8.65 6.01 -1.08
N LEU B 98 7.35 5.77 -1.00
CA LEU B 98 6.61 4.90 -1.89
C LEU B 98 5.62 5.66 -2.77
N VAL B 99 5.65 5.42 -4.08
CA VAL B 99 4.65 6.02 -4.96
C VAL B 99 3.82 4.91 -5.63
N PHE B 100 2.51 5.08 -5.60
CA PHE B 100 1.51 4.13 -6.03
C PHE B 100 0.87 4.48 -7.36
N GLY B 101 0.75 3.50 -8.24
CA GLY B 101 -0.10 3.60 -9.41
C GLY B 101 -1.58 3.65 -9.03
N GLY B 102 -2.43 3.91 -10.01
CA GLY B 102 -3.87 4.02 -9.77
C GLY B 102 -4.54 2.68 -9.61
N GLY B 103 -3.81 1.60 -9.86
CA GLY B 103 -4.34 0.26 -9.68
C GLY B 103 -4.99 -0.28 -10.93
N THR B 104 -4.50 -1.43 -11.41
CA THR B 104 -5.11 -2.12 -12.54
C THR B 104 -6.11 -3.16 -12.06
N LYS B 105 -7.36 -3.00 -12.50
CA LYS B 105 -8.44 -3.89 -12.12
C LYS B 105 -8.57 -5.01 -13.14
N LEU B 106 -8.42 -6.24 -12.68
CA LEU B 106 -8.49 -7.40 -13.56
C LEU B 106 -9.79 -8.17 -13.39
N THR B 107 -10.50 -8.40 -14.49
CA THR B 107 -11.77 -9.14 -14.44
C THR B 107 -11.67 -10.46 -15.21
N VAL B 108 -12.48 -11.43 -14.81
CA VAL B 108 -12.65 -12.74 -15.42
C VAL B 108 -14.07 -12.88 -15.95
N LEU B 109 -14.36 -13.84 -16.84
CA LEU B 109 -15.66 -13.84 -17.49
C LEU B 109 -16.43 -15.15 -17.39
N GLU B 110 -16.72 -15.70 -16.23
CA GLU B 110 -16.35 -15.34 -14.89
C GLU B 110 -15.06 -16.06 -14.49
#